data_1FBT
#
_entry.id   1FBT
#
_cell.length_a   48.400
_cell.length_b   56.600
_cell.length_c   93.700
_cell.angle_alpha   90.00
_cell.angle_beta   94.40
_cell.angle_gamma   90.00
#
_symmetry.space_group_name_H-M   'P 1 21 1'
#
loop_
_entity.id
_entity.type
_entity.pdbx_description
1 polymer FRUCTOSE-2,6-BISPHOSPHATASE
2 non-polymer 'PHOSPHATE ION'
3 water water
#
_entity_poly.entity_id   1
_entity_poly.type   'polypeptide(L)'
_entity_poly.pdbx_seq_one_letter_code
;RSIYLCRHGESELNLRGRIGGDSGLSARGKQYAYALANFIRSQGISSLKVWTSH(MSE)KRTIQTAEALGVPYEQWKALN
EIDAGVCEE(MSE)TYEEIQEHYPEEFALRDQDKYRYRYPKGESYEDLVQRLEPVI(MSE)ELERQENVLVICHQAV
(MSE)RCLLAYFLDKSSDELPYLKCPLHTVLKLTPVAYGCRVESIYLNV
;
_entity_poly.pdbx_strand_id   A,B
#
loop_
_chem_comp.id
_chem_comp.type
_chem_comp.name
_chem_comp.formula
PO4 non-polymer 'PHOSPHATE ION' 'O4 P -3'
#
# COMPACT_ATOMS: atom_id res chain seq x y z
N ARG A 1 11.56 -15.75 30.29
CA ARG A 1 11.86 -14.39 29.73
C ARG A 1 10.81 -14.07 28.67
N SER A 2 10.48 -12.79 28.50
CA SER A 2 9.52 -12.36 27.49
C SER A 2 10.09 -11.21 26.66
N ILE A 3 9.82 -11.24 25.35
CA ILE A 3 10.28 -10.19 24.43
C ILE A 3 9.04 -9.53 23.89
N TYR A 4 8.88 -8.25 24.18
CA TYR A 4 7.73 -7.50 23.73
C TYR A 4 8.09 -6.68 22.52
N LEU A 5 7.37 -6.88 21.43
CA LEU A 5 7.62 -6.13 20.20
C LEU A 5 6.41 -5.31 19.84
N CYS A 6 6.62 -4.02 19.59
CA CYS A 6 5.51 -3.17 19.17
C CYS A 6 6.13 -2.02 18.38
N ARG A 7 5.31 -1.30 17.63
CA ARG A 7 5.92 -0.17 16.98
C ARG A 7 5.37 1.09 17.54
N HIS A 8 6.12 2.16 17.30
CA HIS A 8 5.76 3.51 17.72
C HIS A 8 4.25 3.76 17.52
N GLY A 9 3.65 4.63 18.32
CA GLY A 9 2.26 4.94 18.11
C GLY A 9 2.20 5.55 16.72
N GLU A 10 1.02 5.56 16.13
CA GLU A 10 0.79 6.10 14.80
C GLU A 10 1.48 7.46 14.58
N SER A 11 2.33 7.55 13.56
CA SER A 11 3.04 8.78 13.23
C SER A 11 2.20 9.69 12.33
N GLU A 12 2.69 10.91 12.08
CA GLU A 12 2.02 11.87 11.22
C GLU A 12 2.00 11.35 9.76
N LEU A 13 3.11 10.74 9.35
CA LEU A 13 3.21 10.17 8.02
C LEU A 13 2.31 8.95 7.89
N ASN A 14 2.09 8.22 9.00
CA ASN A 14 1.22 7.05 8.99
C ASN A 14 -0.19 7.52 8.67
N LEU A 15 -0.58 8.62 9.30
CA LEU A 15 -1.90 9.17 9.10
C LEU A 15 -2.13 9.60 7.63
N ARG A 16 -1.06 9.99 6.94
CA ARG A 16 -1.14 10.43 5.54
C ARG A 16 -0.86 9.32 4.50
N GLY A 17 -0.51 8.13 4.97
CA GLY A 17 -0.22 7.04 4.06
C GLY A 17 1.14 7.15 3.40
N ARG A 18 2.09 7.78 4.09
CA ARG A 18 3.45 7.92 3.58
C ARG A 18 4.42 7.03 4.36
N ILE A 19 5.39 6.49 3.66
CA ILE A 19 6.36 5.58 4.23
C ILE A 19 7.56 6.36 4.70
N GLY A 20 8.45 5.69 5.43
CA GLY A 20 9.65 6.33 5.96
C GLY A 20 9.41 7.67 6.64
N GLY A 21 10.45 8.49 6.64
CA GLY A 21 10.37 9.81 7.25
C GLY A 21 10.82 9.79 8.70
N ASP A 22 10.60 10.91 9.38
CA ASP A 22 10.95 10.99 10.78
C ASP A 22 9.95 11.92 11.42
N SER A 23 8.67 11.69 11.14
CA SER A 23 7.61 12.49 11.70
C SER A 23 7.38 12.03 13.14
N GLY A 24 6.54 12.76 13.87
CA GLY A 24 6.30 12.37 15.24
C GLY A 24 4.97 11.70 15.42
N LEU A 25 4.69 11.31 16.65
CA LEU A 25 3.43 10.66 17.00
C LEU A 25 2.29 11.63 16.68
N SER A 26 1.18 11.07 16.25
CA SER A 26 0.01 11.87 15.94
C SER A 26 -0.77 11.93 17.26
N ALA A 27 -1.85 12.71 17.31
CA ALA A 27 -2.65 12.79 18.53
C ALA A 27 -2.94 11.41 19.12
N ARG A 28 -3.60 10.53 18.37
CA ARG A 28 -3.90 9.21 18.93
C ARG A 28 -2.66 8.30 19.02
N GLY A 29 -1.57 8.72 18.39
CA GLY A 29 -0.34 7.97 18.48
C GLY A 29 0.17 8.14 19.91
N LYS A 30 -0.02 9.34 20.47
CA LYS A 30 0.38 9.66 21.85
C LYS A 30 -0.52 8.89 22.81
N GLN A 31 -1.81 8.81 22.47
CA GLN A 31 -2.76 8.08 23.27
C GLN A 31 -2.39 6.60 23.34
N TYR A 32 -1.62 6.15 22.36
CA TYR A 32 -1.19 4.75 22.37
C TYR A 32 0.02 4.67 23.27
N ALA A 33 0.88 5.69 23.20
CA ALA A 33 2.09 5.75 24.02
C ALA A 33 1.64 5.64 25.47
N TYR A 34 0.53 6.31 25.81
CA TYR A 34 -0.03 6.26 27.15
C TYR A 34 -0.60 4.90 27.48
N ALA A 35 -1.46 4.36 26.62
CA ALA A 35 -2.05 3.05 26.84
C ALA A 35 -0.99 1.94 26.92
N LEU A 36 0.14 2.12 26.25
CA LEU A 36 1.22 1.15 26.28
C LEU A 36 1.86 1.18 27.67
N ALA A 37 1.99 2.38 28.26
CA ALA A 37 2.56 2.53 29.58
C ALA A 37 1.63 1.84 30.61
N ASN A 38 0.33 1.90 30.38
CA ASN A 38 -0.64 1.25 31.26
C ASN A 38 -0.53 -0.26 31.16
N PHE A 39 -0.39 -0.76 29.93
CA PHE A 39 -0.28 -2.20 29.70
C PHE A 39 1.02 -2.72 30.32
N ILE A 40 2.10 -2.00 30.07
CA ILE A 40 3.40 -2.37 30.57
C ILE A 40 3.39 -2.41 32.11
N ARG A 41 2.81 -1.40 32.76
CA ARG A 41 2.77 -1.38 34.23
C ARG A 41 1.96 -2.52 34.83
N SER A 42 0.83 -2.83 34.19
CA SER A 42 -0.03 -3.90 34.68
C SER A 42 0.49 -5.27 34.35
N GLN A 43 1.62 -5.35 33.65
CA GLN A 43 2.22 -6.63 33.31
C GLN A 43 3.15 -7.05 34.46
N GLY A 44 3.52 -6.08 35.28
CA GLY A 44 4.39 -6.35 36.42
C GLY A 44 5.63 -7.10 35.99
N ILE A 45 6.44 -6.46 35.16
CA ILE A 45 7.66 -7.07 34.65
C ILE A 45 8.90 -6.69 35.46
N SER A 46 9.68 -7.70 35.83
CA SER A 46 10.91 -7.51 36.58
C SER A 46 12.05 -7.01 35.69
N SER A 47 12.60 -5.86 36.06
CA SER A 47 13.71 -5.21 35.36
C SER A 47 13.62 -5.23 33.82
N LEU A 48 12.52 -4.68 33.33
CA LEU A 48 12.25 -4.60 31.89
C LEU A 48 13.17 -3.60 31.22
N LYS A 49 13.94 -4.06 30.22
CA LYS A 49 14.82 -3.20 29.43
C LYS A 49 13.93 -2.67 28.30
N VAL A 50 14.13 -1.43 27.91
CA VAL A 50 13.33 -0.83 26.86
C VAL A 50 14.28 -0.29 25.83
N TRP A 51 14.20 -0.84 24.62
CA TRP A 51 15.04 -0.40 23.52
C TRP A 51 14.18 0.42 22.57
N THR A 52 14.82 1.38 21.91
CA THR A 52 14.15 2.29 21.01
C THR A 52 15.11 2.56 19.86
N SER A 53 14.60 3.02 18.72
CA SER A 53 15.46 3.38 17.59
C SER A 53 15.86 4.85 17.78
N HIS A 54 16.60 5.42 16.83
CA HIS A 54 17.03 6.81 16.92
C HIS A 54 16.03 7.78 16.35
N MSE A 55 14.86 7.28 15.95
CA MSE A 55 13.84 8.11 15.34
C MSE A 55 12.81 8.67 16.31
O MSE A 55 12.38 7.97 17.23
CB MSE A 55 13.17 7.35 14.22
CG MSE A 55 14.12 7.07 13.06
SE MSE A 55 13.45 5.98 11.77
CE MSE A 55 14.78 6.18 10.46
N LYS A 56 12.35 9.88 16.04
CA LYS A 56 11.38 10.54 16.89
C LYS A 56 10.18 9.71 17.36
N ARG A 57 9.41 9.17 16.42
CA ARG A 57 8.20 8.38 16.77
C ARG A 57 8.43 7.27 17.81
N THR A 58 9.62 6.71 17.78
CA THR A 58 10.01 5.65 18.69
C THR A 58 10.38 6.24 20.09
N ILE A 59 11.28 7.23 20.14
CA ILE A 59 11.67 7.81 21.43
C ILE A 59 10.45 8.42 22.12
N GLN A 60 9.63 9.11 21.32
CA GLN A 60 8.42 9.74 21.83
C GLN A 60 7.49 8.75 22.50
N THR A 61 7.32 7.58 21.90
CA THR A 61 6.44 6.59 22.50
C THR A 61 7.07 6.00 23.82
N ALA A 62 8.39 5.81 23.84
CA ALA A 62 9.06 5.29 25.05
C ALA A 62 8.99 6.34 26.17
N GLU A 63 9.07 7.62 25.80
CA GLU A 63 8.99 8.73 26.73
C GLU A 63 7.80 8.66 27.69
N ALA A 64 6.67 8.08 27.25
CA ALA A 64 5.49 8.02 28.09
C ALA A 64 5.47 6.86 29.08
N LEU A 65 6.52 6.04 29.06
CA LEU A 65 6.60 4.87 29.96
C LEU A 65 7.02 5.22 31.38
N GLY A 66 7.80 6.29 31.54
CA GLY A 66 8.28 6.72 32.84
C GLY A 66 9.67 6.17 33.07
N VAL A 67 9.88 4.93 32.64
CA VAL A 67 11.17 4.24 32.80
C VAL A 67 12.20 4.61 31.74
N PRO A 68 13.50 4.51 32.06
CA PRO A 68 14.52 4.84 31.07
C PRO A 68 14.58 3.80 29.93
N TYR A 69 15.17 4.22 28.81
CA TYR A 69 15.29 3.36 27.63
C TYR A 69 16.58 3.69 26.88
N GLU A 70 17.01 2.78 26.03
CA GLU A 70 18.21 2.99 25.26
C GLU A 70 17.85 3.03 23.78
N GLN A 71 18.66 3.72 22.98
CA GLN A 71 18.43 3.84 21.54
C GLN A 71 19.47 3.12 20.70
N TRP A 72 19.01 2.32 19.75
CA TRP A 72 19.88 1.60 18.81
C TRP A 72 19.63 2.16 17.39
N LYS A 73 20.72 2.54 16.72
CA LYS A 73 20.65 3.05 15.35
C LYS A 73 20.12 1.89 14.52
N ALA A 74 20.61 0.69 14.82
CA ALA A 74 20.22 -0.52 14.13
C ALA A 74 18.73 -0.77 14.10
N LEU A 75 17.96 -0.12 14.97
CA LEU A 75 16.50 -0.31 15.00
C LEU A 75 15.73 0.72 14.19
N ASN A 76 16.44 1.58 13.47
CA ASN A 76 15.80 2.60 12.63
C ASN A 76 15.05 1.88 11.52
N GLU A 77 13.92 2.42 11.07
CA GLU A 77 13.17 1.78 10.00
C GLU A 77 13.98 1.59 8.70
N ILE A 78 13.52 0.67 7.87
CA ILE A 78 14.14 0.42 6.56
C ILE A 78 14.07 1.75 5.74
N ASP A 79 15.17 2.09 5.09
CA ASP A 79 15.30 3.29 4.25
C ASP A 79 14.71 2.98 2.86
N ALA A 80 13.68 3.71 2.44
CA ALA A 80 13.03 3.49 1.14
C ALA A 80 13.78 4.28 0.06
N GLY A 81 14.90 4.84 0.48
CA GLY A 81 15.75 5.61 -0.40
C GLY A 81 15.05 6.80 -1.02
N VAL A 82 14.98 6.78 -2.33
CA VAL A 82 14.40 7.90 -3.06
C VAL A 82 12.87 7.95 -2.94
N CYS A 83 12.26 6.87 -2.49
CA CYS A 83 10.79 6.83 -2.32
C CYS A 83 10.34 7.24 -0.92
N GLU A 84 11.29 7.72 -0.12
CA GLU A 84 11.01 8.15 1.24
C GLU A 84 9.90 9.18 1.27
N GLU A 85 8.93 8.96 2.15
CA GLU A 85 7.80 9.84 2.38
C GLU A 85 6.74 9.91 1.29
N MSE A 86 6.83 8.97 0.35
CA MSE A 86 5.90 8.90 -0.78
C MSE A 86 4.75 7.98 -0.43
O MSE A 86 4.91 7.08 0.39
CB MSE A 86 6.64 8.29 -1.97
CG MSE A 86 6.83 9.20 -3.16
SE MSE A 86 8.01 8.53 -4.42
CE MSE A 86 9.11 9.98 -4.65
N THR A 87 3.59 8.21 -1.04
CA THR A 87 2.44 7.32 -0.87
C THR A 87 2.71 6.19 -1.87
N TYR A 88 1.93 5.12 -1.81
CA TYR A 88 2.14 4.02 -2.75
C TYR A 88 1.77 4.43 -4.19
N GLU A 89 0.77 5.31 -4.32
CA GLU A 89 0.35 5.78 -5.62
C GLU A 89 1.50 6.54 -6.26
N GLU A 90 2.19 7.35 -5.46
CA GLU A 90 3.30 8.13 -5.95
C GLU A 90 4.48 7.31 -6.45
N ILE A 91 4.81 6.27 -5.72
CA ILE A 91 5.91 5.40 -6.11
C ILE A 91 5.51 4.58 -7.35
N GLN A 92 4.24 4.22 -7.44
CA GLN A 92 3.76 3.48 -8.60
C GLN A 92 3.79 4.37 -9.85
N GLU A 93 3.55 5.67 -9.66
CA GLU A 93 3.57 6.63 -10.77
C GLU A 93 4.96 7.10 -11.19
N HIS A 94 5.78 7.52 -10.23
CA HIS A 94 7.11 8.00 -10.53
C HIS A 94 8.16 6.90 -10.61
N TYR A 95 7.84 5.75 -10.04
CA TYR A 95 8.79 4.64 -10.08
C TYR A 95 8.06 3.34 -10.38
N PRO A 96 7.34 3.27 -11.52
CA PRO A 96 6.57 2.09 -11.93
C PRO A 96 7.35 0.80 -12.15
N GLU A 97 8.54 0.90 -12.72
CA GLU A 97 9.34 -0.31 -12.93
C GLU A 97 9.86 -0.79 -11.58
N GLU A 98 10.32 0.14 -10.76
CA GLU A 98 10.85 -0.19 -9.45
C GLU A 98 9.77 -0.86 -8.58
N PHE A 99 8.61 -0.24 -8.51
CA PHE A 99 7.51 -0.79 -7.72
C PHE A 99 7.20 -2.25 -8.11
N ALA A 100 7.28 -2.52 -9.42
CA ALA A 100 7.00 -3.85 -9.96
C ALA A 100 8.07 -4.89 -9.61
N LEU A 101 9.34 -4.48 -9.68
CA LEU A 101 10.46 -5.36 -9.36
C LEU A 101 10.42 -5.74 -7.87
N ARG A 102 9.88 -4.83 -7.05
CA ARG A 102 9.74 -5.04 -5.62
C ARG A 102 8.79 -6.19 -5.32
N ASP A 103 7.58 -6.11 -5.86
CA ASP A 103 6.57 -7.15 -5.67
C ASP A 103 7.10 -8.52 -6.09
N GLN A 104 8.07 -8.51 -7.02
CA GLN A 104 8.69 -9.72 -7.54
C GLN A 104 9.48 -10.45 -6.46
N ASP A 105 10.37 -9.70 -5.78
CA ASP A 105 11.24 -10.24 -4.73
C ASP A 105 11.42 -9.17 -3.64
N LYS A 106 10.47 -9.12 -2.71
CA LYS A 106 10.46 -8.10 -1.65
C LYS A 106 11.60 -8.20 -0.61
N TYR A 107 12.19 -9.38 -0.48
CA TYR A 107 13.26 -9.55 0.48
C TYR A 107 14.58 -8.98 -0.02
N ARG A 108 14.92 -9.27 -1.27
CA ARG A 108 16.20 -8.82 -1.86
C ARG A 108 16.15 -7.43 -2.49
N TYR A 109 14.96 -6.98 -2.87
CA TYR A 109 14.77 -5.69 -3.54
C TYR A 109 15.13 -4.39 -2.81
N ARG A 110 15.79 -3.48 -3.53
CA ARG A 110 16.16 -2.17 -3.00
C ARG A 110 15.64 -1.07 -3.90
N TYR A 111 14.99 -0.07 -3.31
CA TYR A 111 14.51 1.07 -4.06
C TYR A 111 15.76 1.84 -4.45
N PRO A 112 15.63 2.82 -5.37
CA PRO A 112 16.83 3.58 -5.73
C PRO A 112 17.40 4.22 -4.47
N LYS A 113 18.65 3.84 -4.15
CA LYS A 113 19.37 4.33 -2.98
C LYS A 113 18.75 3.99 -1.61
N GLY A 114 17.93 2.94 -1.56
CA GLY A 114 17.30 2.52 -0.31
C GLY A 114 17.86 1.19 0.21
N GLU A 115 17.20 0.58 1.21
CA GLU A 115 17.67 -0.71 1.75
C GLU A 115 16.67 -1.80 1.43
N SER A 116 17.14 -3.03 1.50
CA SER A 116 16.29 -4.19 1.30
C SER A 116 16.06 -4.82 2.67
N TYR A 117 15.11 -5.73 2.76
CA TYR A 117 14.86 -6.43 4.00
C TYR A 117 16.14 -7.20 4.35
N GLU A 118 16.80 -7.76 3.36
CA GLU A 118 18.06 -8.47 3.59
C GLU A 118 19.10 -7.57 4.29
N ASP A 119 19.18 -6.32 3.85
CA ASP A 119 20.10 -5.35 4.44
C ASP A 119 19.70 -5.12 5.90
N LEU A 120 18.39 -5.00 6.13
CA LEU A 120 17.82 -4.75 7.45
C LEU A 120 18.15 -5.89 8.42
N VAL A 121 17.91 -7.12 7.97
CA VAL A 121 18.20 -8.30 8.74
C VAL A 121 19.66 -8.28 9.19
N GLN A 122 20.54 -7.80 8.33
CA GLN A 122 21.97 -7.71 8.61
C GLN A 122 22.24 -6.79 9.75
N ARG A 123 21.81 -5.53 9.63
CA ARG A 123 22.09 -4.59 10.71
C ARG A 123 21.39 -4.91 12.03
N LEU A 124 20.40 -5.80 11.98
CA LEU A 124 19.66 -6.21 13.16
C LEU A 124 20.32 -7.40 13.85
N GLU A 125 21.31 -8.02 13.21
CA GLU A 125 22.01 -9.17 13.79
C GLU A 125 22.55 -8.90 15.20
N PRO A 126 23.22 -7.74 15.38
CA PRO A 126 23.72 -7.45 16.74
C PRO A 126 22.57 -7.16 17.72
N VAL A 127 21.39 -6.82 17.21
CA VAL A 127 20.24 -6.57 18.06
C VAL A 127 19.67 -7.91 18.52
N ILE A 128 19.66 -8.88 17.62
CA ILE A 128 19.15 -10.20 17.93
C ILE A 128 20.03 -10.92 18.97
N MSE A 129 21.35 -10.83 18.83
CA MSE A 129 22.24 -11.49 19.79
C MSE A 129 22.15 -10.86 21.18
O MSE A 129 22.24 -11.57 22.17
CB MSE A 129 23.69 -11.58 19.29
CG MSE A 129 24.31 -10.32 18.72
SE MSE A 129 25.86 -10.73 17.82
CE MSE A 129 27.00 -9.39 18.41
N GLU A 130 21.92 -9.56 21.24
CA GLU A 130 21.79 -8.89 22.53
C GLU A 130 20.44 -9.29 23.10
N LEU A 131 19.42 -9.27 22.26
CA LEU A 131 18.06 -9.63 22.65
C LEU A 131 18.07 -11.06 23.23
N GLU A 132 18.89 -11.92 22.64
CA GLU A 132 19.06 -13.32 23.04
C GLU A 132 19.62 -13.44 24.46
N ARG A 133 20.69 -12.70 24.73
CA ARG A 133 21.30 -12.71 26.06
C ARG A 133 20.65 -11.60 26.90
N GLN A 134 19.36 -11.74 27.17
CA GLN A 134 18.58 -10.77 27.96
C GLN A 134 17.44 -11.46 28.70
N GLU A 135 16.73 -10.72 29.55
CA GLU A 135 15.63 -11.29 30.31
C GLU A 135 14.23 -10.90 29.85
N ASN A 136 13.86 -9.64 30.10
CA ASN A 136 12.57 -9.12 29.68
C ASN A 136 12.93 -7.85 28.91
N VAL A 137 12.48 -7.75 27.67
CA VAL A 137 12.81 -6.59 26.86
C VAL A 137 11.62 -6.14 26.04
N LEU A 138 11.34 -4.83 26.11
CA LEU A 138 10.29 -4.22 25.33
C LEU A 138 11.07 -3.48 24.22
N VAL A 139 10.80 -3.84 22.96
CA VAL A 139 11.49 -3.20 21.83
C VAL A 139 10.47 -2.40 21.04
N ILE A 140 10.54 -1.08 21.18
CA ILE A 140 9.61 -0.20 20.47
C ILE A 140 10.29 0.16 19.16
N CYS A 141 9.78 -0.37 18.04
CA CYS A 141 10.42 -0.11 16.77
C CYS A 141 9.55 0.31 15.58
N HIS A 142 9.78 -0.34 14.44
CA HIS A 142 9.11 -0.01 13.19
C HIS A 142 8.57 -1.27 12.52
N GLN A 143 7.71 -1.10 11.51
CA GLN A 143 7.12 -2.26 10.81
C GLN A 143 8.11 -3.22 10.18
N ALA A 144 8.98 -2.72 9.31
CA ALA A 144 9.95 -3.60 8.66
C ALA A 144 10.91 -4.25 9.67
N VAL A 145 11.32 -3.46 10.66
CA VAL A 145 12.20 -3.93 11.73
C VAL A 145 11.49 -5.03 12.54
N MSE A 146 10.23 -4.79 12.92
CA MSE A 146 9.45 -5.74 13.69
C MSE A 146 9.34 -7.05 12.91
O MSE A 146 9.55 -8.14 13.46
CB MSE A 146 8.06 -5.13 13.99
CG MSE A 146 7.32 -5.74 15.21
SE MSE A 146 5.91 -4.74 15.72
CE MSE A 146 4.69 -6.00 15.96
N ARG A 147 9.07 -6.95 11.61
CA ARG A 147 8.97 -8.15 10.77
C ARG A 147 10.25 -8.95 10.84
N CYS A 148 11.40 -8.28 10.82
CA CYS A 148 12.67 -9.01 10.89
C CYS A 148 12.92 -9.69 12.24
N LEU A 149 12.56 -9.03 13.33
CA LEU A 149 12.77 -9.59 14.67
C LEU A 149 11.84 -10.79 14.80
N LEU A 150 10.58 -10.53 14.51
CA LEU A 150 9.52 -11.52 14.57
C LEU A 150 9.85 -12.78 13.73
N ALA A 151 10.38 -12.58 12.52
CA ALA A 151 10.74 -13.70 11.64
C ALA A 151 11.80 -14.57 12.30
N TYR A 152 12.73 -13.94 13.01
CA TYR A 152 13.76 -14.68 13.70
C TYR A 152 13.18 -15.51 14.82
N PHE A 153 12.45 -14.89 15.74
CA PHE A 153 11.90 -15.62 16.87
C PHE A 153 10.85 -16.64 16.48
N LEU A 154 10.03 -16.31 15.50
CA LEU A 154 9.00 -17.24 15.06
C LEU A 154 9.47 -18.21 13.98
N ASP A 155 10.78 -18.25 13.73
CA ASP A 155 11.36 -19.16 12.77
C ASP A 155 10.66 -19.12 11.39
N LYS A 156 10.53 -17.92 10.83
CA LYS A 156 9.90 -17.70 9.52
C LYS A 156 10.97 -17.59 8.44
N SER A 157 10.60 -17.90 7.19
CA SER A 157 11.51 -17.82 6.05
C SER A 157 11.55 -16.41 5.45
N SER A 158 12.58 -16.14 4.64
CA SER A 158 12.75 -14.84 3.99
C SER A 158 11.56 -14.45 3.08
N ASP A 159 10.85 -15.45 2.56
CA ASP A 159 9.69 -15.17 1.70
C ASP A 159 8.52 -14.68 2.53
N GLU A 160 8.22 -15.38 3.62
CA GLU A 160 7.12 -14.99 4.51
C GLU A 160 7.43 -13.65 5.16
N LEU A 161 8.70 -13.46 5.49
CA LEU A 161 9.18 -12.27 6.17
C LEU A 161 8.58 -10.91 5.78
N PRO A 162 8.72 -10.47 4.51
CA PRO A 162 8.14 -9.15 4.18
C PRO A 162 6.65 -9.01 4.32
N TYR A 163 5.95 -10.12 4.55
CA TYR A 163 4.48 -10.10 4.66
C TYR A 163 3.97 -10.46 6.06
N LEU A 164 4.86 -10.56 7.03
CA LEU A 164 4.45 -10.89 8.41
C LEU A 164 3.53 -9.78 8.94
N LYS A 165 2.50 -10.18 9.67
CA LYS A 165 1.53 -9.23 10.24
C LYS A 165 2.15 -8.35 11.33
N CYS A 166 2.18 -7.03 11.12
CA CYS A 166 2.75 -6.11 12.10
C CYS A 166 1.94 -4.85 12.21
N PRO A 167 0.71 -4.94 12.71
CA PRO A 167 -0.09 -3.71 12.82
C PRO A 167 0.49 -2.66 13.76
N LEU A 168 -0.10 -1.49 13.68
CA LEU A 168 0.22 -0.35 14.49
C LEU A 168 -0.65 -0.57 15.74
N HIS A 169 -0.18 -0.10 16.90
CA HIS A 169 -0.91 -0.21 18.18
C HIS A 169 -1.19 -1.62 18.67
N THR A 170 -0.30 -2.54 18.35
CA THR A 170 -0.47 -3.90 18.75
C THR A 170 0.84 -4.41 19.32
N VAL A 171 0.80 -4.97 20.52
CA VAL A 171 2.00 -5.48 21.12
C VAL A 171 2.05 -6.98 20.89
N LEU A 172 3.21 -7.48 20.51
CA LEU A 172 3.41 -8.90 20.28
C LEU A 172 4.36 -9.38 21.39
N LYS A 173 3.79 -10.11 22.35
CA LYS A 173 4.54 -10.67 23.48
C LYS A 173 4.99 -12.06 23.11
N LEU A 174 6.30 -12.20 22.93
CA LEU A 174 6.89 -13.46 22.53
C LEU A 174 7.55 -14.12 23.75
N THR A 175 7.33 -15.40 23.95
CA THR A 175 7.96 -16.08 25.07
C THR A 175 8.74 -17.26 24.54
N PRO A 176 10.05 -17.10 24.35
CA PRO A 176 10.92 -18.17 23.86
C PRO A 176 10.75 -19.39 24.76
N VAL A 177 10.43 -20.51 24.15
CA VAL A 177 10.22 -21.74 24.89
C VAL A 177 11.06 -22.82 24.23
N ALA A 178 11.12 -24.02 24.79
CA ALA A 178 11.94 -25.07 24.21
C ALA A 178 11.63 -25.43 22.77
N TYR A 179 10.35 -25.62 22.45
CA TYR A 179 9.94 -25.99 21.10
C TYR A 179 9.91 -24.82 20.14
N GLY A 180 10.20 -23.63 20.65
CA GLY A 180 10.19 -22.47 19.78
C GLY A 180 9.79 -21.19 20.45
N CYS A 181 8.56 -20.76 20.23
CA CYS A 181 8.17 -19.51 20.82
C CYS A 181 6.68 -19.36 20.85
N ARG A 182 6.14 -19.01 22.01
CA ARG A 182 4.72 -18.82 22.18
C ARG A 182 4.47 -17.34 21.85
N VAL A 183 3.26 -17.00 21.42
CA VAL A 183 2.99 -15.61 21.01
C VAL A 183 1.66 -15.10 21.53
N GLU A 184 1.62 -13.84 21.92
CA GLU A 184 0.41 -13.25 22.43
C GLU A 184 0.38 -11.90 21.78
N SER A 185 -0.75 -11.57 21.17
CA SER A 185 -0.90 -10.31 20.49
C SER A 185 -1.92 -9.48 21.26
N ILE A 186 -1.49 -8.30 21.71
CA ILE A 186 -2.41 -7.47 22.46
C ILE A 186 -2.69 -6.18 21.72
N TYR A 187 -3.95 -6.00 21.30
CA TYR A 187 -4.33 -4.80 20.58
C TYR A 187 -4.70 -3.73 21.59
N LEU A 188 -4.02 -2.60 21.49
CA LEU A 188 -4.28 -1.49 22.38
C LEU A 188 -5.17 -0.50 21.63
N ASN A 189 -6.49 -0.67 21.79
CA ASN A 189 -7.46 0.20 21.11
C ASN A 189 -7.57 1.61 21.68
N VAL A 190 -7.20 2.58 20.86
CA VAL A 190 -7.24 3.97 21.21
C VAL A 190 -7.54 4.76 19.92
N ARG B 1 -7.89 0.86 -35.27
CA ARG B 1 -8.38 1.68 -34.12
C ARG B 1 -7.50 1.41 -32.91
N SER B 2 -7.71 2.21 -31.87
CA SER B 2 -6.95 2.07 -30.64
C SER B 2 -7.93 2.21 -29.50
N ILE B 3 -7.53 1.69 -28.34
CA ILE B 3 -8.30 1.76 -27.11
C ILE B 3 -7.35 2.48 -26.18
N TYR B 4 -7.78 3.61 -25.66
CA TYR B 4 -6.95 4.38 -24.74
C TYR B 4 -7.45 4.15 -23.32
N LEU B 5 -6.57 3.58 -22.50
CA LEU B 5 -6.88 3.29 -21.11
C LEU B 5 -6.05 4.13 -20.20
N CYS B 6 -6.72 4.78 -19.29
CA CYS B 6 -6.06 5.59 -18.29
C CYS B 6 -7.09 5.79 -17.22
N ARG B 7 -6.65 6.24 -16.07
CA ARG B 7 -7.66 6.50 -15.09
C ARG B 7 -7.78 7.98 -14.84
N HIS B 8 -8.82 8.33 -14.11
CA HIS B 8 -9.08 9.70 -13.70
C HIS B 8 -7.78 10.34 -13.22
N GLY B 9 -7.68 11.66 -13.29
CA GLY B 9 -6.47 12.28 -12.80
C GLY B 9 -6.44 12.12 -11.26
N GLU B 10 -5.28 12.26 -10.65
CA GLU B 10 -5.15 12.14 -9.20
C GLU B 10 -6.31 12.74 -8.40
N SER B 11 -6.91 11.95 -7.51
CA SER B 11 -8.00 12.47 -6.69
C SER B 11 -7.54 12.94 -5.28
N GLU B 12 -8.46 13.58 -4.57
CA GLU B 12 -8.19 14.07 -3.22
C GLU B 12 -7.77 12.85 -2.43
N LEU B 13 -8.60 11.80 -2.47
CA LEU B 13 -8.29 10.57 -1.75
C LEU B 13 -6.97 9.92 -2.16
N ASN B 14 -6.59 9.96 -3.45
CA ASN B 14 -5.31 9.37 -3.85
C ASN B 14 -4.22 10.11 -3.08
N LEU B 15 -4.39 11.42 -3.04
CA LEU B 15 -3.45 12.32 -2.42
C LEU B 15 -3.27 12.05 -0.93
N ARG B 16 -4.37 11.71 -0.27
CA ARG B 16 -4.41 11.41 1.16
C ARG B 16 -4.10 9.95 1.47
N GLY B 17 -3.54 9.24 0.50
CA GLY B 17 -3.21 7.84 0.69
C GLY B 17 -4.35 6.92 1.06
N ARG B 18 -5.57 7.28 0.69
CA ARG B 18 -6.74 6.48 0.98
C ARG B 18 -7.37 5.85 -0.27
N ILE B 19 -7.99 4.68 -0.11
CA ILE B 19 -8.59 3.95 -1.21
C ILE B 19 -10.08 4.21 -1.47
N GLY B 20 -10.53 3.84 -2.67
CA GLY B 20 -11.94 3.98 -3.02
C GLY B 20 -12.56 5.33 -2.80
N GLY B 21 -13.82 5.33 -2.40
CA GLY B 21 -14.50 6.59 -2.15
C GLY B 21 -15.05 7.19 -3.44
N ASP B 22 -15.40 8.45 -3.38
CA ASP B 22 -15.91 9.16 -4.54
C ASP B 22 -15.53 10.60 -4.41
N SER B 23 -14.22 10.86 -4.37
CA SER B 23 -13.72 12.22 -4.23
C SER B 23 -13.41 12.77 -5.61
N GLY B 24 -13.18 14.09 -5.66
CA GLY B 24 -12.87 14.77 -6.91
C GLY B 24 -11.38 14.91 -7.14
N LEU B 25 -11.04 15.46 -8.31
CA LEU B 25 -9.64 15.67 -8.71
C LEU B 25 -8.90 16.67 -7.84
N SER B 26 -7.62 16.42 -7.67
CA SER B 26 -6.78 17.32 -6.93
C SER B 26 -6.42 18.42 -7.92
N ALA B 27 -5.59 19.36 -7.48
CA ALA B 27 -5.17 20.45 -8.35
C ALA B 27 -4.46 19.85 -9.55
N ARG B 28 -3.45 19.01 -9.31
CA ARG B 28 -2.76 18.43 -10.46
C ARG B 28 -3.54 17.29 -11.11
N GLY B 29 -4.61 16.86 -10.46
CA GLY B 29 -5.46 15.85 -11.04
C GLY B 29 -6.14 16.54 -12.21
N LYS B 30 -6.57 17.78 -11.98
CA LYS B 30 -7.23 18.61 -12.99
C LYS B 30 -6.26 18.98 -14.09
N GLN B 31 -5.00 19.17 -13.73
CA GLN B 31 -3.97 19.51 -14.69
C GLN B 31 -3.68 18.30 -15.57
N TYR B 32 -3.96 17.11 -15.06
CA TYR B 32 -3.77 15.90 -15.86
C TYR B 32 -4.86 15.83 -16.92
N ALA B 33 -6.10 16.14 -16.52
CA ALA B 33 -7.25 16.14 -17.41
C ALA B 33 -7.01 17.06 -18.62
N TYR B 34 -6.36 18.19 -18.41
CA TYR B 34 -6.05 19.11 -19.50
C TYR B 34 -4.94 18.55 -20.34
N ALA B 35 -3.96 17.93 -19.70
CA ALA B 35 -2.87 17.32 -20.44
C ALA B 35 -3.39 16.12 -21.27
N LEU B 36 -4.40 15.43 -20.75
CA LEU B 36 -4.98 14.28 -21.44
C LEU B 36 -5.68 14.76 -22.72
N ALA B 37 -6.41 15.88 -22.62
CA ALA B 37 -7.12 16.46 -23.76
C ALA B 37 -6.12 16.82 -24.87
N ASN B 38 -5.04 17.50 -24.50
CA ASN B 38 -4.00 17.87 -25.47
C ASN B 38 -3.40 16.63 -26.12
N PHE B 39 -3.26 15.54 -25.36
CA PHE B 39 -2.71 14.30 -25.90
C PHE B 39 -3.69 13.69 -26.91
N ILE B 40 -4.96 13.59 -26.52
CA ILE B 40 -5.99 13.04 -27.40
C ILE B 40 -6.04 13.88 -28.71
N ARG B 41 -5.94 15.19 -28.60
CA ARG B 41 -5.94 16.08 -29.76
C ARG B 41 -4.74 15.80 -30.64
N SER B 42 -3.55 15.69 -30.05
CA SER B 42 -2.32 15.45 -30.80
C SER B 42 -2.27 14.11 -31.55
N GLN B 43 -3.28 13.28 -31.31
CA GLN B 43 -3.37 11.95 -31.91
C GLN B 43 -4.00 11.98 -33.30
N GLY B 44 -4.66 13.08 -33.65
CA GLY B 44 -5.29 13.19 -34.96
C GLY B 44 -6.33 12.12 -35.17
N ILE B 45 -7.32 12.08 -34.29
CA ILE B 45 -8.39 11.08 -34.34
C ILE B 45 -9.62 11.86 -34.82
N SER B 46 -10.40 11.24 -35.72
CA SER B 46 -11.59 11.90 -36.27
C SER B 46 -12.84 11.57 -35.46
N SER B 47 -12.89 10.34 -34.94
CA SER B 47 -14.02 9.91 -34.13
C SER B 47 -13.48 9.10 -32.95
N LEU B 48 -13.98 9.41 -31.77
CA LEU B 48 -13.54 8.76 -30.55
C LEU B 48 -14.69 8.64 -29.56
N LYS B 49 -14.90 7.45 -29.02
CA LYS B 49 -15.93 7.26 -28.02
C LYS B 49 -15.25 7.34 -26.65
N VAL B 50 -15.86 8.09 -25.74
CA VAL B 50 -15.30 8.23 -24.41
C VAL B 50 -16.20 7.63 -23.35
N TRP B 51 -15.65 6.68 -22.60
CA TRP B 51 -16.37 6.01 -21.52
C TRP B 51 -15.80 6.47 -20.18
N THR B 52 -16.70 6.56 -19.22
CA THR B 52 -16.40 7.02 -17.89
C THR B 52 -17.17 6.12 -16.92
N SER B 53 -16.80 6.13 -15.64
CA SER B 53 -17.53 5.34 -14.66
C SER B 53 -18.59 6.33 -14.14
N HIS B 54 -19.26 5.99 -13.05
CA HIS B 54 -20.21 6.92 -12.46
C HIS B 54 -19.53 7.83 -11.42
N MSE B 55 -18.31 7.48 -11.03
CA MSE B 55 -17.53 8.26 -10.05
C MSE B 55 -17.07 9.61 -10.58
O MSE B 55 -16.48 9.69 -11.69
CB MSE B 55 -16.27 7.50 -9.61
CG MSE B 55 -16.48 6.07 -9.17
SE MSE B 55 -17.45 5.92 -7.67
CE MSE B 55 -16.93 4.18 -7.23
N LYS B 56 -17.25 10.63 -9.75
CA LYS B 56 -16.89 12.01 -10.06
C LYS B 56 -15.49 12.23 -10.59
N ARG B 57 -14.51 11.50 -10.06
CA ARG B 57 -13.13 11.66 -10.51
C ARG B 57 -12.96 11.32 -12.02
N THR B 58 -13.76 10.37 -12.53
CA THR B 58 -13.65 10.03 -13.95
C THR B 58 -14.42 11.05 -14.77
N ILE B 59 -15.65 11.35 -14.35
CA ILE B 59 -16.48 12.35 -15.04
C ILE B 59 -15.76 13.69 -15.20
N GLN B 60 -15.16 14.17 -14.12
CA GLN B 60 -14.46 15.44 -14.11
C GLN B 60 -13.28 15.46 -15.04
N THR B 61 -12.58 14.34 -15.17
CA THR B 61 -11.43 14.30 -16.03
C THR B 61 -11.93 14.33 -17.52
N ALA B 62 -13.09 13.71 -17.77
CA ALA B 62 -13.72 13.66 -19.09
C ALA B 62 -14.25 15.04 -19.48
N GLU B 63 -14.74 15.79 -18.49
CA GLU B 63 -15.24 17.15 -18.69
C GLU B 63 -14.20 17.98 -19.43
N ALA B 64 -12.94 17.81 -19.05
CA ALA B 64 -11.85 18.56 -19.65
C ALA B 64 -11.64 18.25 -21.14
N LEU B 65 -12.28 17.22 -21.66
CA LEU B 65 -12.10 16.87 -23.07
C LEU B 65 -12.85 17.81 -24.02
N GLY B 66 -14.08 18.17 -23.64
CA GLY B 66 -14.89 19.04 -24.45
C GLY B 66 -15.83 18.26 -25.36
N VAL B 67 -15.64 16.93 -25.41
CA VAL B 67 -16.47 16.04 -26.23
C VAL B 67 -17.46 15.23 -25.39
N PRO B 68 -18.53 14.71 -25.99
CA PRO B 68 -19.47 13.92 -25.17
C PRO B 68 -18.83 12.62 -24.67
N TYR B 69 -19.41 12.04 -23.62
CA TYR B 69 -18.93 10.78 -23.03
C TYR B 69 -20.08 9.99 -22.40
N GLU B 70 -19.93 8.68 -22.34
CA GLU B 70 -20.95 7.83 -21.75
C GLU B 70 -20.48 7.32 -20.39
N GLN B 71 -21.41 7.22 -19.45
CA GLN B 71 -21.10 6.72 -18.11
C GLN B 71 -21.55 5.28 -17.89
N TRP B 72 -20.61 4.40 -17.62
CA TRP B 72 -20.92 2.98 -17.37
C TRP B 72 -20.72 2.71 -15.88
N LYS B 73 -21.71 2.08 -15.25
CA LYS B 73 -21.61 1.73 -13.85
C LYS B 73 -20.56 0.63 -13.72
N ALA B 74 -20.51 -0.24 -14.72
CA ALA B 74 -19.56 -1.33 -14.71
C ALA B 74 -18.11 -0.86 -14.73
N LEU B 75 -17.90 0.44 -14.94
CA LEU B 75 -16.54 0.96 -14.94
C LEU B 75 -16.18 1.58 -13.59
N ASN B 76 -17.11 1.49 -12.63
CA ASN B 76 -16.90 2.00 -11.25
C ASN B 76 -15.77 1.22 -10.63
N GLU B 77 -15.00 1.85 -9.74
CA GLU B 77 -13.87 1.18 -9.11
C GLU B 77 -14.26 0.00 -8.22
N ILE B 78 -13.31 -0.87 -7.95
CA ILE B 78 -13.60 -2.04 -7.10
C ILE B 78 -14.10 -1.53 -5.74
N ASP B 79 -15.04 -2.24 -5.15
CA ASP B 79 -15.60 -1.84 -3.86
C ASP B 79 -14.81 -2.51 -2.72
N ALA B 80 -14.10 -1.72 -1.93
CA ALA B 80 -13.33 -2.25 -0.80
C ALA B 80 -14.25 -2.47 0.41
N GLY B 81 -15.54 -2.18 0.20
CA GLY B 81 -16.55 -2.38 1.21
C GLY B 81 -16.32 -1.66 2.51
N VAL B 82 -16.09 -2.42 3.56
CA VAL B 82 -15.85 -1.86 4.89
C VAL B 82 -14.61 -0.99 4.90
N CYS B 83 -13.61 -1.38 4.09
CA CYS B 83 -12.33 -0.69 4.01
C CYS B 83 -12.27 0.53 3.09
N GLU B 84 -13.42 0.93 2.56
CA GLU B 84 -13.49 2.08 1.67
C GLU B 84 -12.95 3.31 2.37
N GLU B 85 -12.19 4.12 1.64
CA GLU B 85 -11.62 5.37 2.19
C GLU B 85 -10.66 5.25 3.38
N MSE B 86 -10.08 4.07 3.59
CA MSE B 86 -9.11 3.86 4.64
C MSE B 86 -7.71 3.79 4.02
O MSE B 86 -7.57 3.72 2.80
CB MSE B 86 -9.41 2.53 5.36
CG MSE B 86 -10.69 2.55 6.23
SE MSE B 86 -11.03 0.99 7.18
CE MSE B 86 -9.57 0.42 7.16
N THR B 87 -6.69 3.92 4.85
CA THR B 87 -5.31 3.81 4.38
C THR B 87 -4.93 2.36 4.64
N TYR B 88 -3.80 1.91 4.12
CA TYR B 88 -3.38 0.53 4.34
C TYR B 88 -3.00 0.32 5.79
N GLU B 89 -2.39 1.32 6.42
CA GLU B 89 -2.02 1.22 7.84
C GLU B 89 -3.28 1.00 8.63
N GLU B 90 -4.31 1.78 8.29
CA GLU B 90 -5.60 1.70 8.96
C GLU B 90 -6.26 0.33 8.83
N ILE B 91 -6.20 -0.23 7.62
CA ILE B 91 -6.81 -1.53 7.39
C ILE B 91 -5.97 -2.64 8.04
N GLN B 92 -4.66 -2.46 8.03
CA GLN B 92 -3.78 -3.43 8.66
C GLN B 92 -4.04 -3.48 10.18
N GLU B 93 -4.33 -2.33 10.78
CA GLU B 93 -4.58 -2.23 12.21
C GLU B 93 -5.93 -2.75 12.64
N HIS B 94 -6.98 -2.24 12.01
CA HIS B 94 -8.34 -2.64 12.37
C HIS B 94 -8.88 -3.89 11.72
N TYR B 95 -8.19 -4.38 10.69
CA TYR B 95 -8.61 -5.58 9.99
C TYR B 95 -7.38 -6.38 9.61
N PRO B 96 -6.54 -6.74 10.61
CA PRO B 96 -5.31 -7.51 10.38
C PRO B 96 -5.53 -8.88 9.75
N GLU B 97 -6.62 -9.52 10.16
CA GLU B 97 -6.99 -10.83 9.64
C GLU B 97 -7.28 -10.72 8.13
N GLU B 98 -8.22 -9.85 7.79
CA GLU B 98 -8.62 -9.61 6.39
C GLU B 98 -7.42 -9.28 5.51
N PHE B 99 -6.69 -8.24 5.86
CA PHE B 99 -5.52 -7.80 5.09
C PHE B 99 -4.59 -8.95 4.70
N ALA B 100 -4.25 -9.78 5.68
CA ALA B 100 -3.38 -10.94 5.46
C ALA B 100 -4.01 -11.92 4.46
N LEU B 101 -5.30 -12.19 4.64
CA LEU B 101 -6.05 -13.09 3.75
C LEU B 101 -6.11 -12.50 2.32
N ARG B 102 -6.23 -11.18 2.23
CA ARG B 102 -6.27 -10.49 0.95
C ARG B 102 -4.93 -10.68 0.24
N ASP B 103 -3.85 -10.65 1.02
CA ASP B 103 -2.52 -10.83 0.47
C ASP B 103 -2.23 -12.24 -0.01
N GLN B 104 -2.96 -13.24 0.50
CA GLN B 104 -2.73 -14.62 0.08
C GLN B 104 -3.50 -15.07 -1.18
N ASP B 105 -4.52 -14.33 -1.57
CA ASP B 105 -5.31 -14.65 -2.77
C ASP B 105 -5.98 -13.36 -3.24
N LYS B 106 -5.15 -12.45 -3.74
CA LYS B 106 -5.62 -11.14 -4.19
C LYS B 106 -6.71 -11.16 -5.26
N TYR B 107 -6.70 -12.18 -6.12
CA TYR B 107 -7.73 -12.25 -7.16
C TYR B 107 -9.13 -12.56 -6.62
N ARG B 108 -9.22 -13.44 -5.62
CA ARG B 108 -10.53 -13.82 -5.10
C ARG B 108 -11.00 -13.20 -3.79
N TYR B 109 -10.08 -12.65 -3.01
CA TYR B 109 -10.47 -12.07 -1.73
C TYR B 109 -11.35 -10.84 -1.85
N ARG B 110 -12.35 -10.77 -0.98
CA ARG B 110 -13.26 -9.62 -0.92
C ARG B 110 -13.15 -9.12 0.53
N TYR B 111 -13.01 -7.82 0.72
CA TYR B 111 -12.99 -7.24 2.06
C TYR B 111 -14.42 -7.38 2.55
N PRO B 112 -14.65 -7.33 3.87
CA PRO B 112 -16.04 -7.48 4.27
C PRO B 112 -16.94 -6.47 3.56
N LYS B 113 -17.98 -7.01 2.93
CA LYS B 113 -18.97 -6.23 2.15
C LYS B 113 -18.39 -5.65 0.85
N GLY B 114 -17.26 -6.17 0.42
CA GLY B 114 -16.62 -5.68 -0.78
C GLY B 114 -16.63 -6.62 -1.98
N GLU B 115 -15.93 -6.23 -3.05
CA GLU B 115 -15.84 -7.01 -4.27
C GLU B 115 -14.43 -7.51 -4.45
N SER B 116 -14.30 -8.57 -5.23
CA SER B 116 -13.01 -9.14 -5.53
C SER B 116 -12.70 -8.75 -6.97
N TYR B 117 -11.45 -8.95 -7.38
CA TYR B 117 -11.04 -8.70 -8.74
C TYR B 117 -11.88 -9.63 -9.61
N GLU B 118 -12.04 -10.86 -9.15
CA GLU B 118 -12.84 -11.85 -9.86
C GLU B 118 -14.23 -11.29 -10.13
N ASP B 119 -14.85 -10.65 -9.14
CA ASP B 119 -16.19 -10.05 -9.33
C ASP B 119 -16.10 -8.96 -10.42
N LEU B 120 -15.10 -8.10 -10.28
CA LEU B 120 -14.89 -7.00 -11.20
C LEU B 120 -14.72 -7.53 -12.64
N VAL B 121 -13.93 -8.59 -12.81
CA VAL B 121 -13.72 -9.18 -14.12
C VAL B 121 -15.07 -9.62 -14.68
N GLN B 122 -15.93 -10.15 -13.82
CA GLN B 122 -17.25 -10.60 -14.22
C GLN B 122 -18.14 -9.46 -14.67
N ARG B 123 -18.21 -8.37 -13.91
CA ARG B 123 -19.08 -7.27 -14.29
C ARG B 123 -18.54 -6.45 -15.47
N LEU B 124 -17.29 -6.69 -15.82
CA LEU B 124 -16.65 -6.03 -16.94
C LEU B 124 -16.83 -6.78 -18.28
N GLU B 125 -17.45 -7.98 -18.26
CA GLU B 125 -17.65 -8.78 -19.49
C GLU B 125 -18.33 -7.93 -20.57
N PRO B 126 -19.45 -7.27 -20.25
CA PRO B 126 -20.09 -6.45 -21.28
C PRO B 126 -19.28 -5.24 -21.76
N VAL B 127 -18.39 -4.72 -20.91
CA VAL B 127 -17.57 -3.58 -21.30
C VAL B 127 -16.53 -4.07 -22.32
N ILE B 128 -16.01 -5.27 -22.11
CA ILE B 128 -15.02 -5.81 -23.03
C ILE B 128 -15.70 -6.20 -24.36
N MSE B 129 -16.91 -6.72 -24.28
CA MSE B 129 -17.69 -7.08 -25.47
C MSE B 129 -17.79 -5.86 -26.34
O MSE B 129 -17.43 -5.90 -27.51
CB MSE B 129 -19.09 -7.51 -25.08
CG MSE B 129 -19.28 -9.01 -24.84
SE MSE B 129 -21.00 -9.40 -24.40
CE MSE B 129 -20.80 -9.97 -22.66
N GLU B 130 -18.27 -4.76 -25.78
CA GLU B 130 -18.44 -3.53 -26.53
C GLU B 130 -17.14 -3.04 -27.14
N LEU B 131 -16.10 -2.92 -26.31
CA LEU B 131 -14.77 -2.47 -26.72
C LEU B 131 -14.29 -3.22 -27.98
N GLU B 132 -14.47 -4.53 -27.97
CA GLU B 132 -14.05 -5.43 -29.02
C GLU B 132 -14.74 -5.21 -30.38
N ARG B 133 -15.91 -4.56 -30.37
CA ARG B 133 -16.66 -4.30 -31.60
C ARG B 133 -16.88 -2.80 -31.88
N GLN B 134 -15.95 -1.98 -31.40
CA GLN B 134 -16.06 -0.53 -31.55
C GLN B 134 -14.80 -0.06 -32.24
N GLU B 135 -14.70 1.22 -32.57
CA GLU B 135 -13.47 1.69 -33.18
C GLU B 135 -12.62 2.35 -32.09
N ASN B 136 -12.24 3.61 -32.27
CA ASN B 136 -11.43 4.27 -31.25
C ASN B 136 -12.26 4.53 -30.00
N VAL B 137 -11.75 4.09 -28.86
CA VAL B 137 -12.42 4.32 -27.60
C VAL B 137 -11.41 4.73 -26.55
N LEU B 138 -11.81 5.68 -25.71
CA LEU B 138 -11.00 6.16 -24.59
C LEU B 138 -11.77 5.78 -23.30
N VAL B 139 -11.15 4.94 -22.47
CA VAL B 139 -11.77 4.53 -21.21
C VAL B 139 -11.03 5.24 -20.04
N ILE B 140 -11.71 6.17 -19.40
CA ILE B 140 -11.14 6.91 -18.27
C ILE B 140 -11.78 6.16 -17.13
N CYS B 141 -11.01 5.27 -16.52
CA CYS B 141 -11.55 4.41 -15.48
C CYS B 141 -10.75 4.46 -14.14
N HIS B 142 -10.51 3.30 -13.54
CA HIS B 142 -9.81 3.25 -12.25
C HIS B 142 -8.74 2.17 -12.25
N GLN B 143 -7.82 2.23 -11.29
CA GLN B 143 -6.71 1.27 -11.22
C GLN B 143 -7.09 -0.18 -11.28
N ALA B 144 -8.11 -0.58 -10.52
CA ALA B 144 -8.49 -1.98 -10.51
C ALA B 144 -9.16 -2.34 -11.83
N VAL B 145 -10.09 -1.50 -12.26
CA VAL B 145 -10.80 -1.70 -13.52
C VAL B 145 -9.77 -1.78 -14.67
N MSE B 146 -8.85 -0.83 -14.70
CA MSE B 146 -7.86 -0.75 -15.73
C MSE B 146 -6.98 -1.99 -15.76
O MSE B 146 -6.57 -2.41 -16.83
CB MSE B 146 -7.03 0.52 -15.56
CG MSE B 146 -6.02 0.78 -16.66
SE MSE B 146 -5.33 2.43 -16.46
CE MSE B 146 -3.71 2.22 -16.84
N ARG B 147 -6.72 -2.57 -14.58
CA ARG B 147 -5.91 -3.79 -14.50
C ARG B 147 -6.64 -4.97 -15.14
N CYS B 148 -7.94 -5.06 -14.93
CA CYS B 148 -8.76 -6.13 -15.46
C CYS B 148 -8.92 -6.03 -16.99
N LEU B 149 -9.07 -4.81 -17.48
CA LEU B 149 -9.21 -4.59 -18.91
C LEU B 149 -7.90 -4.91 -19.61
N LEU B 150 -6.80 -4.46 -19.02
CA LEU B 150 -5.44 -4.66 -19.54
C LEU B 150 -5.03 -6.13 -19.55
N ALA B 151 -5.45 -6.86 -18.53
CA ALA B 151 -5.14 -8.29 -18.45
C ALA B 151 -5.83 -9.01 -19.62
N TYR B 152 -7.08 -8.63 -19.90
CA TYR B 152 -7.81 -9.23 -21.00
C TYR B 152 -7.10 -9.00 -22.34
N PHE B 153 -6.86 -7.75 -22.68
CA PHE B 153 -6.21 -7.41 -23.95
C PHE B 153 -4.78 -7.91 -24.05
N LEU B 154 -4.09 -8.03 -22.91
CA LEU B 154 -2.71 -8.49 -22.94
C LEU B 154 -2.55 -9.96 -22.56
N ASP B 155 -3.67 -10.68 -22.51
CA ASP B 155 -3.67 -12.11 -22.15
C ASP B 155 -2.77 -12.39 -20.94
N LYS B 156 -3.22 -11.95 -19.78
CA LYS B 156 -2.50 -12.13 -18.53
C LYS B 156 -3.33 -13.07 -17.64
N SER B 157 -2.68 -13.92 -16.85
CA SER B 157 -3.40 -14.86 -15.96
C SER B 157 -4.03 -14.09 -14.80
N SER B 158 -4.98 -14.70 -14.10
CA SER B 158 -5.61 -14.03 -12.96
C SER B 158 -4.63 -13.80 -11.80
N ASP B 159 -3.47 -14.43 -11.88
CA ASP B 159 -2.43 -14.28 -10.87
C ASP B 159 -1.64 -13.00 -11.11
N GLU B 160 -1.39 -12.69 -12.38
CA GLU B 160 -0.65 -11.49 -12.74
C GLU B 160 -1.55 -10.25 -12.62
N LEU B 161 -2.84 -10.47 -12.86
CA LEU B 161 -3.86 -9.42 -12.89
C LEU B 161 -3.83 -8.32 -11.83
N PRO B 162 -3.89 -8.68 -10.55
CA PRO B 162 -3.88 -7.65 -9.50
C PRO B 162 -2.58 -6.83 -9.35
N TYR B 163 -1.50 -7.31 -9.93
CA TYR B 163 -0.22 -6.62 -9.84
C TYR B 163 0.19 -5.86 -11.13
N LEU B 164 -0.66 -5.92 -12.16
CA LEU B 164 -0.36 -5.23 -13.44
C LEU B 164 -0.12 -3.73 -13.24
N LYS B 165 0.97 -3.22 -13.82
CA LYS B 165 1.34 -1.83 -13.72
C LYS B 165 0.25 -0.85 -14.21
N CYS B 166 -0.36 -0.13 -13.27
CA CYS B 166 -1.42 0.81 -13.60
C CYS B 166 -1.31 2.13 -12.86
N PRO B 167 -0.19 2.85 -13.05
CA PRO B 167 0.03 4.14 -12.39
C PRO B 167 -1.01 5.18 -12.77
N LEU B 168 -0.91 6.32 -12.10
CA LEU B 168 -1.78 7.44 -12.32
C LEU B 168 -1.11 8.25 -13.44
N HIS B 169 -1.91 9.01 -14.19
CA HIS B 169 -1.40 9.88 -15.26
C HIS B 169 -0.62 9.21 -16.41
N THR B 170 -0.91 7.95 -16.67
CA THR B 170 -0.24 7.26 -17.76
C THR B 170 -1.33 6.65 -18.65
N VAL B 171 -1.25 6.97 -19.94
CA VAL B 171 -2.20 6.51 -20.91
C VAL B 171 -1.65 5.26 -21.57
N LEU B 172 -2.44 4.20 -21.58
CA LEU B 172 -2.02 2.99 -22.25
C LEU B 172 -2.78 2.98 -23.59
N LYS B 173 -2.04 3.06 -24.69
CA LYS B 173 -2.63 3.03 -26.04
C LYS B 173 -2.52 1.59 -26.51
N LEU B 174 -3.67 0.94 -26.61
CA LEU B 174 -3.75 -0.45 -27.02
C LEU B 174 -4.28 -0.53 -28.45
N THR B 175 -3.66 -1.36 -29.26
CA THR B 175 -4.15 -1.53 -30.62
C THR B 175 -4.34 -3.03 -30.82
N PRO B 176 -5.58 -3.51 -30.67
CA PRO B 176 -5.86 -4.93 -30.84
C PRO B 176 -5.41 -5.31 -32.24
N VAL B 177 -5.02 -6.55 -32.41
CA VAL B 177 -4.51 -7.01 -33.68
C VAL B 177 -5.15 -8.39 -33.93
N ALA B 178 -4.60 -9.21 -34.83
CA ALA B 178 -5.16 -10.54 -35.12
C ALA B 178 -5.17 -11.48 -33.89
N TYR B 179 -4.07 -11.54 -33.13
CA TYR B 179 -4.10 -12.37 -31.93
C TYR B 179 -3.79 -11.61 -30.65
N GLY B 180 -2.76 -10.78 -30.66
CA GLY B 180 -2.43 -10.06 -29.45
C GLY B 180 -3.00 -8.65 -29.38
N CYS B 181 -2.16 -7.76 -28.88
CA CYS B 181 -2.54 -6.38 -28.75
C CYS B 181 -1.28 -5.61 -28.58
N ARG B 182 -1.11 -4.54 -29.36
CA ARG B 182 0.06 -3.71 -29.21
C ARG B 182 -0.19 -2.84 -27.97
N VAL B 183 0.89 -2.38 -27.36
CA VAL B 183 0.81 -1.52 -26.17
C VAL B 183 1.84 -0.43 -26.28
N GLU B 184 1.46 0.78 -25.87
CA GLU B 184 2.34 1.91 -25.85
C GLU B 184 1.97 2.66 -24.57
N SER B 185 2.96 3.09 -23.79
CA SER B 185 2.69 3.77 -22.52
C SER B 185 3.12 5.23 -22.57
N ILE B 186 2.16 6.13 -22.40
CA ILE B 186 2.46 7.56 -22.47
C ILE B 186 2.30 8.24 -21.10
N TYR B 187 3.40 8.76 -20.57
CA TYR B 187 3.32 9.42 -19.28
C TYR B 187 3.03 10.91 -19.43
N LEU B 188 1.89 11.35 -18.92
CA LEU B 188 1.55 12.77 -18.96
C LEU B 188 2.03 13.44 -17.66
N ASN B 189 3.27 13.91 -17.68
CA ASN B 189 3.93 14.58 -16.54
C ASN B 189 3.30 15.94 -16.22
N VAL B 190 2.72 16.07 -15.04
CA VAL B 190 2.09 17.31 -14.60
C VAL B 190 2.09 17.42 -13.06
P PO4 C . 7.04 2.53 10.43
O1 PO4 C . 6.68 1.45 11.39
O2 PO4 C . 7.46 1.86 9.12
O3 PO4 C . 8.18 3.33 10.93
O4 PO4 C . 5.87 3.42 10.23
P PO4 D . -8.68 4.70 -8.19
O1 PO4 D . -8.56 3.39 -7.46
O2 PO4 D . -10.12 5.09 -8.24
O3 PO4 D . -8.12 4.50 -9.56
O4 PO4 D . -7.89 5.75 -7.47
#